data_2VOS
#
_entry.id   2VOS
#
_cell.length_a   112.405
_cell.length_b   112.405
_cell.length_c   112.405
_cell.angle_alpha   90.00
_cell.angle_beta   90.00
_cell.angle_gamma   90.00
#
_symmetry.space_group_name_H-M   'P 21 3'
#
loop_
_entity.id
_entity.type
_entity.pdbx_description
1 polymer 'FOLYLPOLYGLUTAMATE SYNTHASE PROTEIN FOLC'
2 non-polymer "ADENOSINE-5'-DIPHOSPHATE"
3 non-polymer 'MAGNESIUM ION'
4 non-polymer 'COBALT (II) ION'
5 non-polymer GLYCEROL
6 water water
#
_entity_poly.entity_id   1
_entity_poly.type   'polypeptide(L)'
_entity_poly.pdbx_seq_one_letter_code
;(MSE)NSTNSGPPDSGSATGVVPTPDEIASLLQVEHLLDQRWPETRIDPSLTRISAL(MSE)DLLGSPQRSYPSIHIAGT
NGKTSVAR(MSE)VDALVTALHRRTGRTTSPHLQSPVERISIDGKPISPAQYVATYREIEPLVALIDQQSQASAGKGGPA
(MSE)SKFEVLTA(MSE)AFAAFADAPVDVAVVEVG(MSE)GGRWDATNVINAPVAVITPISIDHVDYLGADIAGIAGEK
AGIITRAPDGSPDTVAVIGRQVPKV(MSE)EVLLAESVRADASVAREDSEFAVLRRQIAVGGQVLQLQGLGGVYSDIYLP
LHGEHQAHNAVLALASVEAFFGAGAQRQLDGDAVRAGFAAVTSPGRLER(MSE)RSAPTVFIDAAHNPAGASALAQTLAH
EFDFRFLVGVLSVLGDKDVDGILAALEPVFDSVVVTHNGSPRALDVEALALAAGERFGPDRVRTAENLRDAIDVATSLVD
DAAADPDVAGDAFSRTGIVITGSVVTAGAARTLFGRDPQ
;
_entity_poly.pdbx_strand_id   A
#
# COMPACT_ATOMS: atom_id res chain seq x y z
N ASP A 22 -3.62 21.26 19.93
CA ASP A 22 -2.13 21.33 20.20
C ASP A 22 -1.36 20.03 19.97
N GLU A 23 -2.05 18.91 20.14
CA GLU A 23 -1.56 17.60 19.73
C GLU A 23 -1.32 17.69 18.24
N ILE A 24 -2.33 18.11 17.47
CA ILE A 24 -2.23 18.26 16.00
C ILE A 24 -1.16 19.28 15.65
N ALA A 25 -1.07 20.33 16.45
CA ALA A 25 -0.12 21.36 16.16
C ALA A 25 1.31 20.84 16.35
N SER A 26 1.53 20.11 17.46
CA SER A 26 2.85 19.49 17.70
C SER A 26 3.18 18.54 16.57
N LEU A 27 2.22 17.74 16.14
CA LEU A 27 2.48 16.87 15.02
C LEU A 27 2.93 17.66 13.79
N LEU A 28 2.28 18.78 13.50
CA LEU A 28 2.67 19.61 12.33
C LEU A 28 4.12 20.15 12.47
N GLN A 29 4.48 20.53 13.68
CA GLN A 29 5.85 20.97 13.95
C GLN A 29 6.85 19.85 13.61
N VAL A 30 6.58 18.64 14.09
CA VAL A 30 7.48 17.53 13.76
C VAL A 30 7.61 17.30 12.26
N GLU A 31 6.48 17.34 11.55
CA GLU A 31 6.49 17.04 10.09
C GLU A 31 7.28 18.13 9.32
N HIS A 32 7.10 19.38 9.77
CA HIS A 32 7.83 20.53 9.19
C HIS A 32 9.36 20.28 9.27
N LEU A 33 9.86 19.78 10.41
CA LEU A 33 11.26 19.43 10.52
C LEU A 33 11.63 18.29 9.61
N LEU A 34 10.85 17.20 9.67
CA LEU A 34 11.18 15.99 8.93
C LEU A 34 11.19 16.35 7.44
N ASP A 35 10.30 17.24 7.01
CA ASP A 35 10.23 17.59 5.59
C ASP A 35 11.43 18.36 5.12
N GLN A 36 12.26 18.85 6.06
CA GLN A 36 13.43 19.63 5.67
C GLN A 36 14.60 18.71 5.39
N ARG A 37 14.40 17.41 5.64
CA ARG A 37 15.48 16.46 5.47
C ARG A 37 15.64 16.13 3.99
N TRP A 38 14.50 15.95 3.33
CA TRP A 38 14.37 15.05 2.20
C TRP A 38 14.87 13.61 2.53
N ARG A 42 21.32 11.73 0.94
CA ARG A 42 21.70 10.85 -0.16
C ARG A 42 21.45 9.37 0.20
N ILE A 43 21.22 8.53 -0.81
CA ILE A 43 20.98 7.10 -0.58
C ILE A 43 22.09 6.49 0.29
N ASP A 44 21.75 5.46 1.05
CA ASP A 44 22.75 4.72 1.84
C ASP A 44 22.48 3.22 1.78
N PRO A 45 22.68 2.64 0.59
CA PRO A 45 22.58 1.23 0.30
C PRO A 45 23.30 0.30 1.29
N SER A 46 24.30 0.78 2.02
CA SER A 46 24.93 -0.14 2.96
C SER A 46 24.13 -0.16 4.28
N LEU A 47 23.09 0.69 4.39
CA LEU A 47 22.21 0.81 5.58
C LEU A 47 22.95 1.31 6.81
N THR A 48 24.01 2.07 6.56
CA THR A 48 24.95 2.50 7.60
C THR A 48 24.29 3.38 8.65
N ARG A 49 23.55 4.38 8.20
CA ARG A 49 22.93 5.32 9.12
C ARG A 49 21.85 4.65 9.97
N ILE A 50 20.90 3.97 9.32
CA ILE A 50 19.78 3.39 10.08
C ILE A 50 20.34 2.26 10.98
N SER A 51 21.31 1.48 10.50
CA SER A 51 21.96 0.51 11.39
C SER A 51 22.62 1.14 12.62
N ALA A 52 23.38 2.22 12.40
CA ALA A 52 23.99 2.92 13.50
C ALA A 52 22.94 3.42 14.49
N LEU A 53 21.88 4.03 13.98
CA LEU A 53 20.81 4.56 14.87
C LEU A 53 20.19 3.42 15.70
N ASP A 55 21.58 0.62 16.60
CA ASP A 55 22.55 0.33 17.66
C ASP A 55 22.45 1.27 18.88
N LEU A 56 22.45 2.56 18.62
CA LEU A 56 22.31 3.55 19.69
C LEU A 56 21.00 3.37 20.48
N LEU A 57 19.94 2.95 19.79
CA LEU A 57 18.59 2.80 20.41
C LEU A 57 18.52 1.53 21.22
N GLY A 58 19.55 0.69 21.14
CA GLY A 58 19.44 -0.62 21.77
C GLY A 58 18.86 -1.71 20.87
N SER A 59 18.84 -1.50 19.55
CA SER A 59 18.33 -2.56 18.61
C SER A 59 16.87 -2.99 18.91
N PRO A 60 15.97 -2.00 19.10
CA PRO A 60 14.58 -2.33 19.37
C PRO A 60 13.96 -3.25 18.30
N GLN A 61 14.45 -3.11 17.06
CA GLN A 61 13.85 -3.80 15.92
C GLN A 61 14.24 -5.25 15.94
N ARG A 62 15.10 -5.63 16.88
CA ARG A 62 15.39 -7.06 17.06
C ARG A 62 14.69 -7.66 18.28
N SER A 63 13.79 -6.90 18.93
CA SER A 63 13.19 -7.41 20.20
C SER A 63 11.77 -7.97 19.97
N TYR A 64 11.34 -8.11 18.72
CA TYR A 64 10.09 -8.80 18.40
C TYR A 64 10.37 -9.35 17.04
N PRO A 65 9.64 -10.39 16.66
CA PRO A 65 9.73 -10.94 15.30
C PRO A 65 8.85 -10.12 14.37
N SER A 66 9.17 -10.10 13.07
CA SER A 66 8.43 -9.30 12.09
C SER A 66 8.02 -10.15 10.91
N ILE A 67 6.98 -9.70 10.23
CA ILE A 67 6.65 -10.21 8.92
C ILE A 67 6.84 -9.02 7.98
N HIS A 68 7.64 -9.22 6.95
CA HIS A 68 8.29 -8.17 6.19
C HIS A 68 7.78 -8.26 4.77
N ILE A 69 7.27 -7.15 4.24
CA ILE A 69 6.52 -7.23 3.00
C ILE A 69 7.08 -6.31 1.91
N ALA A 70 7.40 -6.90 0.74
CA ALA A 70 7.90 -6.12 -0.43
C ALA A 70 7.08 -6.50 -1.62
N GLY A 71 7.21 -5.73 -2.71
CA GLY A 71 6.51 -6.06 -3.94
C GLY A 71 6.09 -4.77 -4.59
N THR A 72 5.33 -4.84 -5.68
CA THR A 72 4.93 -3.63 -6.36
C THR A 72 3.53 -3.23 -6.06
N ASN A 73 2.59 -4.16 -6.08
CA ASN A 73 1.22 -3.81 -5.76
C ASN A 73 0.70 -4.72 -4.62
N GLY A 74 -0.16 -4.16 -3.76
CA GLY A 74 -0.78 -4.90 -2.67
C GLY A 74 0.05 -4.91 -1.38
N LYS A 75 1.19 -4.22 -1.33
CA LYS A 75 1.97 -4.32 -0.07
C LYS A 75 1.14 -3.83 1.12
N THR A 76 0.64 -2.61 1.02
CA THR A 76 -0.12 -2.02 2.15
C THR A 76 -1.36 -2.87 2.46
N SER A 77 -2.09 -3.24 1.43
CA SER A 77 -3.30 -4.04 1.69
C SER A 77 -2.93 -5.39 2.38
N VAL A 78 -1.88 -6.05 1.91
CA VAL A 78 -1.43 -7.31 2.53
C VAL A 78 -0.98 -7.04 3.95
N ALA A 79 -0.27 -5.93 4.20
CA ALA A 79 0.21 -5.61 5.56
C ALA A 79 -1.00 -5.51 6.48
N ARG A 80 -2.03 -4.80 6.03
CA ARG A 80 -3.24 -4.64 6.88
C ARG A 80 -4.04 -5.94 7.11
N VAL A 82 -2.55 -9.10 7.12
CA VAL A 82 -1.70 -9.75 8.12
C VAL A 82 -1.98 -9.23 9.52
N ASP A 83 -2.02 -7.90 9.70
CA ASP A 83 -2.34 -7.31 11.00
C ASP A 83 -3.72 -7.81 11.49
N ALA A 84 -4.72 -7.71 10.64
CA ALA A 84 -6.04 -8.17 11.03
C ALA A 84 -6.06 -9.66 11.49
N LEU A 85 -5.42 -10.53 10.71
CA LEU A 85 -5.35 -11.96 11.04
C LEU A 85 -4.59 -12.21 12.37
N VAL A 86 -3.43 -11.57 12.56
CA VAL A 86 -2.66 -11.77 13.78
C VAL A 86 -3.45 -11.24 15.00
N THR A 87 -4.14 -10.14 14.80
CA THR A 87 -4.98 -9.56 15.86
C THR A 87 -6.19 -10.47 16.22
N ALA A 88 -6.81 -11.05 15.21
CA ALA A 88 -7.92 -12.05 15.37
C ALA A 88 -7.41 -13.30 16.12
N LEU A 89 -6.10 -13.57 16.04
CA LEU A 89 -5.46 -14.66 16.76
C LEU A 89 -4.97 -14.14 18.13
N HIS A 90 -5.34 -12.90 18.44
CA HIS A 90 -5.10 -12.30 19.76
C HIS A 90 -3.66 -11.99 20.20
N ARG A 91 -2.76 -11.86 19.21
CA ARG A 91 -1.41 -11.29 19.48
C ARG A 91 -1.43 -9.78 19.20
N ARG A 92 -0.62 -9.05 19.95
CA ARG A 92 -0.64 -7.63 19.88
C ARG A 92 0.27 -7.26 18.74
N THR A 93 -0.24 -6.47 17.79
CA THR A 93 0.59 -6.17 16.62
C THR A 93 1.15 -4.72 16.61
N GLY A 94 2.24 -4.53 15.90
CA GLY A 94 2.61 -3.18 15.46
C GLY A 94 2.69 -3.30 13.95
N ARG A 95 2.34 -2.23 13.24
CA ARG A 95 2.37 -2.29 11.81
C ARG A 95 2.90 -0.95 11.26
N THR A 96 3.84 -1.03 10.33
CA THR A 96 4.32 0.18 9.72
C THR A 96 4.08 0.05 8.24
N THR A 97 3.40 1.04 7.68
CA THR A 97 3.06 1.05 6.28
C THR A 97 3.42 2.40 5.65
N SER A 98 3.41 2.44 4.32
CA SER A 98 3.72 3.64 3.58
C SER A 98 3.17 3.49 2.15
N PRO A 99 2.98 4.66 1.49
CA PRO A 99 3.07 5.97 2.13
C PRO A 99 1.82 6.20 3.01
N HIS A 100 1.68 7.32 3.72
CA HIS A 100 0.38 7.64 4.35
C HIS A 100 -0.57 8.34 3.34
N LEU A 101 -1.87 8.14 3.52
CA LEU A 101 -2.89 8.78 2.74
C LEU A 101 -3.18 10.18 3.25
N GLN A 102 -3.54 10.27 4.54
CA GLN A 102 -3.97 11.58 5.10
C GLN A 102 -3.07 12.18 6.16
N SER A 103 -2.57 11.34 7.07
CA SER A 103 -1.79 11.84 8.19
C SER A 103 -0.63 10.89 8.43
N PRO A 104 0.55 11.42 8.80
CA PRO A 104 1.64 10.49 8.98
C PRO A 104 1.43 9.51 10.15
N VAL A 105 0.51 9.79 11.11
CA VAL A 105 0.23 8.78 12.17
C VAL A 105 -0.12 7.43 11.55
N GLU A 106 -0.60 7.44 10.30
CA GLU A 106 -1.04 6.18 9.69
C GLU A 106 0.15 5.23 9.56
N ARG A 107 1.34 5.79 9.54
CA ARG A 107 2.57 4.98 9.27
C ARG A 107 2.96 4.12 10.45
N ILE A 108 2.42 4.39 11.64
CA ILE A 108 2.75 3.58 12.82
C ILE A 108 1.47 3.23 13.53
N SER A 109 1.10 1.95 13.51
CA SER A 109 -0.11 1.48 14.10
C SER A 109 0.22 0.45 15.14
N ILE A 110 -0.56 0.46 16.22
CA ILE A 110 -0.44 -0.59 17.30
C ILE A 110 -1.85 -1.09 17.51
N ASP A 111 -2.02 -2.42 17.58
CA ASP A 111 -3.29 -3.06 17.82
C ASP A 111 -4.25 -2.74 16.68
N GLY A 112 -3.75 -2.53 15.47
CA GLY A 112 -4.62 -2.32 14.30
C GLY A 112 -5.09 -0.88 14.09
N LYS A 113 -4.58 0.07 14.88
CA LYS A 113 -5.01 1.48 14.81
C LYS A 113 -3.80 2.42 14.78
N PRO A 114 -3.89 3.50 14.01
CA PRO A 114 -2.80 4.46 14.03
C PRO A 114 -2.56 4.95 15.43
N ILE A 115 -1.31 5.22 15.79
CA ILE A 115 -1.07 5.89 17.07
C ILE A 115 -1.61 7.31 17.05
N SER A 116 -1.73 7.95 18.21
CA SER A 116 -2.29 9.33 18.22
C SER A 116 -1.21 10.35 17.84
N PRO A 117 -1.63 11.53 17.44
CA PRO A 117 -0.63 12.53 17.17
C PRO A 117 0.33 12.73 18.40
N ALA A 118 -0.18 12.69 19.63
CA ALA A 118 0.68 12.89 20.80
C ALA A 118 1.79 11.78 20.90
N GLN A 119 1.41 10.54 20.66
CA GLN A 119 2.34 9.44 20.74
C GLN A 119 3.35 9.56 19.61
N TYR A 120 2.91 10.07 18.44
CA TYR A 120 3.82 10.16 17.27
C TYR A 120 4.92 11.16 17.62
N VAL A 121 4.50 12.32 18.13
CA VAL A 121 5.45 13.36 18.60
C VAL A 121 6.35 12.83 19.71
N ALA A 122 5.80 12.15 20.76
CA ALA A 122 6.62 11.63 21.84
C ALA A 122 7.63 10.62 21.30
N THR A 123 7.25 9.82 20.31
CA THR A 123 8.19 8.86 19.72
C THR A 123 9.34 9.57 19.02
N TYR A 124 9.04 10.60 18.24
CA TYR A 124 10.06 11.38 17.57
C TYR A 124 10.99 12.04 18.64
N ARG A 125 10.40 12.68 19.64
CA ARG A 125 11.18 13.36 20.66
C ARG A 125 12.08 12.38 21.39
N GLU A 126 11.58 11.19 21.66
CA GLU A 126 12.41 10.24 22.41
C GLU A 126 13.62 9.75 21.61
N ILE A 127 13.48 9.52 20.29
CA ILE A 127 14.66 9.17 19.50
C ILE A 127 15.51 10.35 18.99
N GLU A 128 14.97 11.55 19.01
CA GLU A 128 15.63 12.68 18.33
C GLU A 128 17.11 12.92 18.77
N PRO A 129 17.38 12.86 20.10
CA PRO A 129 18.81 13.10 20.41
C PRO A 129 19.77 12.07 19.71
N LEU A 130 19.31 10.83 19.49
CA LEU A 130 20.16 9.81 18.87
C LEU A 130 20.18 10.02 17.37
N VAL A 131 19.06 10.43 16.79
CA VAL A 131 19.02 10.86 15.39
C VAL A 131 19.97 12.04 15.15
N ALA A 132 19.92 13.06 16.00
CA ALA A 132 20.86 14.22 15.88
C ALA A 132 22.32 13.74 15.90
N LEU A 133 22.61 12.74 16.72
CA LEU A 133 23.98 12.28 16.87
C LEU A 133 24.43 11.59 15.59
N ILE A 134 23.58 10.73 15.02
CA ILE A 134 23.88 10.11 13.73
C ILE A 134 24.00 11.16 12.63
N ASP A 135 23.09 12.15 12.62
CA ASP A 135 23.15 13.25 11.62
C ASP A 135 24.52 13.89 11.67
N GLN A 136 25.02 14.17 12.87
CA GLN A 136 26.32 14.86 13.04
C GLN A 136 27.53 13.94 12.72
N GLN A 137 27.51 12.70 13.22
CA GLN A 137 28.57 11.73 12.95
C GLN A 137 28.64 11.42 11.46
N SER A 138 27.48 11.43 10.81
CA SER A 138 27.40 11.23 9.36
C SER A 138 28.01 12.40 8.61
N GLN A 139 27.57 13.62 8.92
CA GLN A 139 28.09 14.82 8.24
C GLN A 139 29.54 15.18 8.66
N ALA A 140 30.13 14.41 9.58
CA ALA A 140 31.55 14.64 9.97
C ALA A 140 32.50 13.52 9.52
N SER A 141 31.94 12.45 8.95
CA SER A 141 32.71 11.22 8.63
C SER A 141 33.56 11.28 7.34
N PRO A 147 25.79 13.61 4.59
CA PRO A 147 24.32 13.45 4.55
C PRO A 147 23.62 13.30 5.93
N ALA A 148 22.51 14.01 6.11
CA ALA A 148 21.64 13.75 7.26
C ALA A 148 20.86 12.44 7.03
N SER A 150 17.50 10.45 6.28
CA SER A 150 16.33 10.84 5.51
C SER A 150 15.10 10.78 6.37
N LYS A 151 14.04 11.41 5.90
CA LYS A 151 12.77 11.32 6.60
C LYS A 151 12.27 9.87 6.73
N PHE A 152 12.38 9.07 5.66
CA PHE A 152 11.99 7.70 5.77
C PHE A 152 12.81 6.92 6.83
N GLU A 153 14.12 7.13 6.87
CA GLU A 153 14.94 6.49 7.91
C GLU A 153 14.42 6.82 9.32
N VAL A 154 14.15 8.08 9.57
CA VAL A 154 13.64 8.50 10.87
C VAL A 154 12.24 7.90 11.15
N LEU A 155 11.32 7.94 10.18
CA LEU A 155 10.01 7.32 10.38
C LEU A 155 10.16 5.85 10.72
N THR A 156 11.10 5.19 10.05
CA THR A 156 11.25 3.75 10.24
C THR A 156 11.79 3.50 11.63
N ALA A 157 12.74 4.33 12.08
CA ALA A 157 13.25 4.19 13.41
C ALA A 157 12.17 4.46 14.45
N ALA A 159 8.96 3.88 14.07
CA ALA A 159 8.04 2.74 14.13
C ALA A 159 8.70 1.65 15.04
N PHE A 160 9.97 1.35 14.77
CA PHE A 160 10.65 0.28 15.50
C PHE A 160 10.74 0.58 16.99
N ALA A 161 11.03 1.85 17.34
CA ALA A 161 11.09 2.28 18.78
C ALA A 161 9.69 2.13 19.39
N ALA A 162 8.68 2.59 18.65
CA ALA A 162 7.33 2.57 19.20
C ALA A 162 6.91 1.11 19.41
N PHE A 163 7.33 0.20 18.52
CA PHE A 163 6.89 -1.18 18.69
C PHE A 163 7.51 -1.76 19.97
N ALA A 164 8.74 -1.38 20.27
CA ALA A 164 9.40 -1.84 21.52
C ALA A 164 8.80 -1.14 22.77
N ASP A 165 8.45 0.14 22.66
CA ASP A 165 7.76 0.90 23.72
C ASP A 165 6.44 0.31 24.09
N ALA A 166 5.73 -0.31 23.12
CA ALA A 166 4.32 -0.70 23.37
C ALA A 166 4.10 -1.70 24.51
N PRO A 167 4.75 -2.88 24.46
CA PRO A 167 5.47 -3.50 23.37
C PRO A 167 4.51 -4.34 22.56
N VAL A 168 4.93 -4.83 21.41
CA VAL A 168 4.09 -5.67 20.57
C VAL A 168 4.56 -7.13 20.66
N ASP A 169 3.71 -8.06 20.22
CA ASP A 169 4.13 -9.48 20.06
C ASP A 169 4.72 -9.72 18.64
N VAL A 170 4.20 -9.00 17.66
CA VAL A 170 4.59 -9.20 16.25
C VAL A 170 4.53 -7.88 15.51
N ALA A 171 5.55 -7.61 14.69
CA ALA A 171 5.48 -6.40 13.87
C ALA A 171 5.22 -6.77 12.41
N VAL A 172 4.46 -5.94 11.72
CA VAL A 172 4.19 -6.17 10.33
C VAL A 172 4.80 -4.99 9.58
N VAL A 173 5.76 -5.25 8.71
CA VAL A 173 6.64 -4.17 8.27
C VAL A 173 6.63 -4.07 6.77
N GLU A 174 6.14 -2.97 6.22
CA GLU A 174 6.12 -2.81 4.79
C GLU A 174 7.40 -2.07 4.34
N VAL A 175 8.04 -2.56 3.28
CA VAL A 175 9.16 -1.86 2.64
C VAL A 175 8.72 -0.46 2.15
N GLY A 176 9.58 0.54 2.35
CA GLY A 176 9.38 1.87 1.76
C GLY A 176 9.54 1.77 0.26
N GLY A 178 11.73 -0.80 -2.95
CA GLY A 178 12.75 -1.87 -3.26
C GLY A 178 12.75 -2.91 -2.14
N GLY A 179 13.87 -3.03 -1.40
CA GLY A 179 13.92 -4.02 -0.32
C GLY A 179 15.31 -4.14 0.21
N ARG A 180 16.24 -4.58 -0.65
CA ARG A 180 17.61 -4.85 -0.27
C ARG A 180 18.22 -3.68 0.48
N TRP A 181 17.98 -2.46 0.00
CA TRP A 181 18.65 -1.28 0.58
C TRP A 181 17.64 -0.36 1.23
N ASP A 182 16.45 -0.88 1.56
CA ASP A 182 15.40 -0.07 2.19
C ASP A 182 15.72 0.06 3.70
N ALA A 183 15.34 1.17 4.32
CA ALA A 183 15.63 1.40 5.75
C ALA A 183 15.03 0.29 6.65
N THR A 184 13.96 -0.37 6.21
CA THR A 184 13.33 -1.40 7.06
C THR A 184 14.18 -2.67 7.08
N ASN A 185 15.18 -2.74 6.20
CA ASN A 185 15.84 -4.04 5.99
C ASN A 185 16.95 -4.30 7.06
N VAL A 186 16.63 -4.09 8.33
CA VAL A 186 17.56 -4.32 9.40
C VAL A 186 16.89 -5.24 10.43
N ILE A 187 15.90 -6.03 9.98
CA ILE A 187 15.11 -6.85 10.89
C ILE A 187 15.26 -8.38 10.79
N ASN A 188 15.84 -8.89 9.67
CA ASN A 188 16.10 -10.30 9.53
C ASN A 188 14.77 -11.06 9.74
N ALA A 189 13.71 -10.66 9.04
CA ALA A 189 12.39 -11.17 9.35
C ALA A 189 12.28 -12.69 9.14
N PRO A 190 11.61 -13.38 10.09
CA PRO A 190 11.43 -14.84 9.87
C PRO A 190 10.42 -15.16 8.73
N VAL A 191 9.61 -14.18 8.35
CA VAL A 191 8.70 -14.37 7.22
C VAL A 191 8.85 -13.14 6.31
N ALA A 192 9.18 -13.39 5.05
CA ALA A 192 9.32 -12.33 4.04
C ALA A 192 8.26 -12.57 2.97
N VAL A 193 7.53 -11.54 2.62
CA VAL A 193 6.43 -11.71 1.76
C VAL A 193 6.71 -10.90 0.54
N ILE A 194 6.50 -11.50 -0.64
CA ILE A 194 6.72 -10.76 -1.91
C ILE A 194 5.41 -10.73 -2.71
N THR A 195 4.76 -9.59 -2.74
CA THR A 195 3.58 -9.40 -3.52
C THR A 195 3.91 -9.21 -5.01
N PRO A 196 2.88 -9.16 -5.85
CA PRO A 196 3.16 -9.11 -7.30
C PRO A 196 4.06 -7.97 -7.68
N ILE A 197 5.01 -8.26 -8.55
CA ILE A 197 5.97 -7.27 -9.02
C ILE A 197 5.68 -6.83 -10.48
N SER A 198 5.75 -5.53 -10.77
CA SER A 198 5.58 -5.00 -12.14
C SER A 198 6.23 -3.64 -12.12
N ILE A 199 5.89 -2.77 -13.06
CA ILE A 199 6.53 -1.45 -13.12
C ILE A 199 5.70 -0.46 -12.29
N ASP A 200 6.38 0.45 -11.62
CA ASP A 200 5.67 1.52 -10.95
C ASP A 200 6.46 2.77 -11.12
N HIS A 201 7.59 2.85 -10.44
CA HIS A 201 8.53 3.97 -10.61
C HIS A 201 9.26 3.88 -11.93
N VAL A 202 9.24 4.90 -12.78
CA VAL A 202 9.83 4.69 -14.10
C VAL A 202 11.20 5.41 -14.23
N ASP A 203 12.29 4.64 -14.37
CA ASP A 203 13.58 5.26 -14.78
C ASP A 203 13.91 5.12 -16.24
N TYR A 204 13.35 4.11 -16.89
CA TYR A 204 13.71 3.81 -18.26
C TYR A 204 12.51 3.33 -19.02
N LEU A 205 12.52 3.43 -20.33
CA LEU A 205 11.48 2.81 -21.17
C LEU A 205 11.58 1.27 -21.11
N GLY A 206 12.77 0.70 -21.32
CA GLY A 206 13.01 -0.71 -21.05
C GLY A 206 12.94 -1.01 -19.55
N ALA A 207 12.70 -2.25 -19.21
CA ALA A 207 12.48 -2.63 -17.82
C ALA A 207 13.47 -3.73 -17.48
N ASP A 208 14.19 -3.57 -16.39
CA ASP A 208 15.06 -4.63 -15.91
C ASP A 208 14.32 -5.51 -14.90
N ILE A 209 13.34 -6.31 -15.35
CA ILE A 209 12.43 -6.90 -14.37
C ILE A 209 13.19 -7.83 -13.39
N ALA A 210 14.23 -8.44 -13.93
CA ALA A 210 15.14 -9.24 -13.12
C ALA A 210 15.90 -8.42 -12.03
N GLY A 211 16.40 -7.24 -12.38
CA GLY A 211 17.06 -6.37 -11.42
C GLY A 211 16.04 -5.86 -10.39
N ILE A 212 14.84 -5.59 -10.87
CA ILE A 212 13.74 -5.15 -9.99
C ILE A 212 13.41 -6.25 -8.98
N ALA A 213 13.23 -7.48 -9.46
CA ALA A 213 12.99 -8.67 -8.61
C ALA A 213 14.09 -8.88 -7.61
N GLY A 214 15.33 -8.80 -8.08
CA GLY A 214 16.49 -8.92 -7.18
C GLY A 214 16.56 -7.94 -6.00
N GLU A 215 16.28 -6.68 -6.26
CA GLU A 215 16.26 -5.73 -5.20
C GLU A 215 15.20 -6.09 -4.12
N LYS A 216 13.97 -6.39 -4.54
CA LYS A 216 12.91 -6.74 -3.56
C LYS A 216 13.26 -8.00 -2.79
N ALA A 217 13.95 -8.94 -3.45
CA ALA A 217 14.33 -10.18 -2.82
C ALA A 217 15.30 -9.94 -1.69
N GLY A 218 15.92 -8.75 -1.65
CA GLY A 218 16.88 -8.48 -0.58
C GLY A 218 16.27 -8.53 0.84
N ILE A 219 14.95 -8.63 0.97
CA ILE A 219 14.41 -8.73 2.32
C ILE A 219 14.35 -10.20 2.80
N ILE A 220 14.62 -11.13 1.90
CA ILE A 220 14.65 -12.54 2.30
C ILE A 220 16.07 -12.80 2.83
N THR A 221 16.23 -13.02 4.14
CA THR A 221 17.57 -13.11 4.74
C THR A 221 17.77 -14.45 5.44
N ARG A 222 19.00 -14.93 5.55
CA ARG A 222 19.28 -16.18 6.26
C ARG A 222 18.99 -15.99 7.75
N ALA A 223 18.30 -16.95 8.36
CA ALA A 223 17.96 -16.90 9.79
C ALA A 223 19.21 -17.17 10.66
N PRO A 224 19.21 -16.67 11.91
CA PRO A 224 20.40 -16.79 12.78
C PRO A 224 20.87 -18.23 13.03
N SER A 227 17.36 -20.72 15.20
CA SER A 227 16.01 -20.40 14.67
C SER A 227 15.62 -21.20 13.42
N PRO A 228 14.31 -21.42 13.24
CA PRO A 228 13.82 -22.00 12.02
C PRO A 228 14.32 -21.16 10.84
N ASP A 229 14.46 -21.76 9.65
CA ASP A 229 14.84 -21.02 8.45
C ASP A 229 13.77 -19.99 8.08
N THR A 230 14.21 -18.93 7.42
CA THR A 230 13.31 -17.88 6.94
C THR A 230 12.32 -18.52 5.99
N VAL A 231 11.11 -17.98 5.93
CA VAL A 231 10.14 -18.46 4.95
C VAL A 231 9.85 -17.31 4.01
N ALA A 232 9.95 -17.53 2.70
CA ALA A 232 9.57 -16.56 1.70
C ALA A 232 8.20 -17.00 1.16
N VAL A 233 7.24 -16.09 1.26
CA VAL A 233 5.89 -16.37 0.80
C VAL A 233 5.60 -15.47 -0.41
N ILE A 234 5.36 -16.07 -1.56
CA ILE A 234 5.41 -15.32 -2.77
C ILE A 234 4.07 -15.32 -3.52
N GLY A 235 3.58 -14.13 -3.86
CA GLY A 235 2.35 -14.04 -4.63
C GLY A 235 2.61 -14.39 -6.11
N ARG A 236 1.62 -14.13 -6.96
CA ARG A 236 1.71 -14.44 -8.41
C ARG A 236 2.77 -13.57 -9.07
N GLN A 237 3.68 -14.14 -9.88
CA GLN A 237 4.76 -13.35 -10.48
C GLN A 237 4.90 -13.77 -11.93
N VAL A 238 5.54 -12.96 -12.77
CA VAL A 238 5.93 -13.47 -14.11
C VAL A 238 7.16 -14.35 -13.99
N PRO A 239 7.36 -15.29 -14.96
CA PRO A 239 8.45 -16.26 -14.85
C PRO A 239 9.82 -15.68 -14.52
N LYS A 240 10.23 -14.60 -15.20
CA LYS A 240 11.58 -14.11 -14.93
C LYS A 240 11.74 -13.57 -13.52
N VAL A 241 10.66 -13.00 -12.98
CA VAL A 241 10.63 -12.58 -11.58
C VAL A 241 10.71 -13.80 -10.67
N GLU A 243 11.93 -16.79 -11.12
CA GLU A 243 13.28 -17.33 -11.17
C GLU A 243 14.23 -16.60 -10.23
N VAL A 244 14.21 -15.27 -10.31
CA VAL A 244 15.07 -14.47 -9.45
C VAL A 244 14.72 -14.63 -7.96
N LEU A 245 13.42 -14.64 -7.65
CA LEU A 245 13.05 -14.78 -6.26
C LEU A 245 13.43 -16.13 -5.66
N LEU A 246 13.25 -17.20 -6.45
CA LEU A 246 13.62 -18.56 -6.00
C LEU A 246 15.14 -18.69 -5.81
N ALA A 247 15.89 -18.10 -6.74
CA ALA A 247 17.38 -18.08 -6.63
C ALA A 247 17.82 -17.42 -5.31
N GLU A 248 17.26 -16.25 -5.01
CA GLU A 248 17.60 -15.54 -3.81
C GLU A 248 17.12 -16.29 -2.57
N SER A 249 16.02 -17.03 -2.70
CA SER A 249 15.52 -17.78 -1.56
C SER A 249 16.48 -18.93 -1.27
N VAL A 250 17.04 -19.49 -2.34
CA VAL A 250 18.09 -20.53 -2.21
C VAL A 250 19.34 -19.93 -1.52
N ARG A 251 19.76 -18.74 -1.96
CA ARG A 251 20.93 -18.11 -1.30
C ARG A 251 20.69 -17.82 0.18
N ALA A 252 19.43 -17.50 0.57
CA ALA A 252 19.08 -17.22 1.99
C ALA A 252 18.71 -18.47 2.81
N ASP A 253 18.83 -19.65 2.21
CA ASP A 253 18.33 -20.87 2.87
C ASP A 253 16.84 -20.78 3.22
N ALA A 254 16.06 -20.11 2.41
CA ALA A 254 14.68 -19.86 2.79
C ALA A 254 13.74 -20.96 2.29
N SER A 255 12.78 -21.40 3.10
CA SER A 255 11.67 -22.24 2.63
C SER A 255 10.74 -21.38 1.78
N VAL A 256 10.17 -21.91 0.71
CA VAL A 256 9.36 -21.11 -0.13
C VAL A 256 7.93 -21.62 -0.21
N ALA A 257 6.95 -20.72 -0.16
CA ALA A 257 5.54 -21.07 -0.41
C ALA A 257 5.11 -20.14 -1.54
N ARG A 258 4.52 -20.68 -2.59
CA ARG A 258 4.23 -19.86 -3.77
C ARG A 258 2.76 -19.91 -4.09
N GLU A 259 2.15 -18.77 -4.42
CA GLU A 259 0.74 -18.81 -4.81
C GLU A 259 0.57 -19.73 -5.96
N ASP A 260 -0.52 -20.50 -5.92
CA ASP A 260 -0.85 -21.49 -6.95
C ASP A 260 0.00 -22.73 -6.91
N SER A 261 0.89 -22.85 -5.94
CA SER A 261 1.55 -24.14 -5.69
C SER A 261 1.31 -24.62 -4.25
N GLU A 262 1.63 -23.77 -3.26
CA GLU A 262 1.51 -24.13 -1.87
C GLU A 262 0.23 -23.58 -1.29
N PHE A 263 -0.38 -22.58 -1.94
CA PHE A 263 -1.65 -21.99 -1.50
C PHE A 263 -2.34 -21.32 -2.70
N ALA A 264 -3.64 -21.04 -2.62
CA ALA A 264 -4.39 -20.52 -3.79
C ALA A 264 -5.76 -20.03 -3.41
N VAL A 265 -6.30 -19.11 -4.20
CA VAL A 265 -7.72 -18.84 -4.11
C VAL A 265 -8.43 -19.96 -4.86
N LEU A 266 -9.27 -20.73 -4.16
CA LEU A 266 -10.00 -21.81 -4.80
C LEU A 266 -11.28 -21.31 -5.47
N ARG A 267 -12.06 -20.49 -4.76
CA ARG A 267 -13.34 -20.01 -5.30
C ARG A 267 -13.57 -18.60 -4.75
N ARG A 268 -14.36 -17.82 -5.47
CA ARG A 268 -14.66 -16.47 -5.05
C ARG A 268 -15.98 -16.04 -5.67
N GLN A 269 -16.83 -15.40 -4.88
CA GLN A 269 -18.10 -14.89 -5.36
C GLN A 269 -18.18 -13.42 -4.92
N ILE A 270 -18.64 -12.55 -5.79
CA ILE A 270 -18.98 -11.19 -5.42
C ILE A 270 -20.13 -11.24 -4.40
N ALA A 271 -20.12 -10.29 -3.46
CA ALA A 271 -21.08 -10.29 -2.37
C ALA A 271 -21.37 -8.81 -2.05
N VAL A 272 -22.50 -8.54 -1.43
CA VAL A 272 -22.78 -7.19 -0.95
C VAL A 272 -21.63 -6.74 -0.06
N GLY A 273 -21.00 -5.64 -0.47
CA GLY A 273 -19.89 -5.03 0.31
C GLY A 273 -18.51 -5.59 -0.01
N GLY A 274 -18.40 -6.59 -0.90
CA GLY A 274 -17.08 -7.21 -1.07
C GLY A 274 -17.16 -8.53 -1.79
N GLN A 275 -16.72 -9.62 -1.13
CA GLN A 275 -16.68 -10.91 -1.81
C GLN A 275 -16.56 -12.03 -0.77
N VAL A 276 -16.91 -13.25 -1.17
CA VAL A 276 -16.80 -14.37 -0.29
C VAL A 276 -15.78 -15.32 -0.95
N LEU A 277 -14.84 -15.82 -0.16
CA LEU A 277 -13.73 -16.62 -0.66
C LEU A 277 -13.66 -18.02 -0.08
N GLN A 278 -13.14 -18.95 -0.86
CA GLN A 278 -12.67 -20.19 -0.31
C GLN A 278 -11.19 -20.27 -0.63
N LEU A 279 -10.35 -20.36 0.42
CA LEU A 279 -8.90 -20.30 0.23
C LEU A 279 -8.22 -21.60 0.65
N GLN A 280 -7.32 -22.08 -0.18
CA GLN A 280 -6.38 -23.08 0.27
C GLN A 280 -5.11 -22.42 0.83
N GLY A 281 -4.93 -22.53 2.14
CA GLY A 281 -3.74 -22.00 2.79
C GLY A 281 -2.74 -23.13 2.97
N LEU A 282 -1.65 -22.86 3.70
CA LEU A 282 -0.65 -23.91 3.96
C LEU A 282 -1.17 -25.08 4.84
N GLY A 283 -2.09 -24.79 5.76
CA GLY A 283 -2.65 -25.78 6.66
C GLY A 283 -4.00 -26.34 6.24
N GLY A 284 -4.50 -25.97 5.07
CA GLY A 284 -5.74 -26.59 4.58
C GLY A 284 -6.72 -25.61 3.95
N VAL A 285 -7.96 -26.03 3.77
CA VAL A 285 -8.96 -25.21 3.15
C VAL A 285 -9.76 -24.40 4.19
N TYR A 286 -9.86 -23.08 3.98
CA TYR A 286 -10.66 -22.24 4.84
C TYR A 286 -11.82 -21.73 3.99
N SER A 287 -13.06 -21.92 4.45
CA SER A 287 -14.29 -21.63 3.64
C SER A 287 -15.12 -20.44 4.16
N ASP A 288 -16.00 -19.90 3.33
CA ASP A 288 -16.91 -18.82 3.73
C ASP A 288 -16.19 -17.64 4.36
N ILE A 289 -15.07 -17.27 3.75
CA ILE A 289 -14.38 -16.08 4.16
C ILE A 289 -15.06 -14.85 3.52
N TYR A 290 -15.68 -14.01 4.32
CA TYR A 290 -16.20 -12.75 3.80
C TYR A 290 -15.12 -11.70 3.91
N LEU A 291 -14.75 -11.09 2.77
CA LEU A 291 -13.76 -10.02 2.80
C LEU A 291 -14.47 -8.73 2.36
N PRO A 292 -14.55 -7.71 3.24
CA PRO A 292 -15.30 -6.53 2.81
C PRO A 292 -14.48 -5.55 1.88
N LEU A 293 -13.87 -6.08 0.81
CA LEU A 293 -13.10 -5.24 -0.10
C LEU A 293 -13.49 -5.74 -1.50
N HIS A 294 -13.44 -4.83 -2.46
CA HIS A 294 -13.79 -5.14 -3.82
C HIS A 294 -12.51 -5.48 -4.58
N GLY A 295 -12.64 -6.37 -5.56
CA GLY A 295 -11.56 -6.61 -6.50
C GLY A 295 -11.02 -8.02 -6.43
N GLU A 296 -10.86 -8.66 -7.59
CA GLU A 296 -10.18 -9.95 -7.62
C GLU A 296 -8.77 -9.84 -7.04
N HIS A 297 -8.09 -8.74 -7.29
CA HIS A 297 -6.74 -8.60 -6.73
C HIS A 297 -6.73 -8.69 -5.21
N GLN A 298 -7.79 -8.22 -4.55
CA GLN A 298 -7.82 -8.36 -3.09
C GLN A 298 -7.99 -9.84 -2.63
N ALA A 299 -8.61 -10.67 -3.44
CA ALA A 299 -8.65 -12.09 -3.09
C ALA A 299 -7.24 -12.68 -3.09
N HIS A 300 -6.40 -12.22 -4.02
CA HIS A 300 -5.03 -12.73 -4.11
C HIS A 300 -4.17 -12.21 -2.97
N ASN A 301 -4.38 -10.94 -2.62
CA ASN A 301 -3.73 -10.35 -1.45
C ASN A 301 -4.18 -11.12 -0.19
N ALA A 302 -5.47 -11.42 -0.08
CA ALA A 302 -5.93 -12.24 1.06
C ALA A 302 -5.24 -13.56 1.22
N VAL A 303 -5.15 -14.36 0.17
CA VAL A 303 -4.58 -15.68 0.40
C VAL A 303 -3.07 -15.54 0.65
N LEU A 304 -2.45 -14.49 0.09
CA LEU A 304 -1.04 -14.27 0.37
C LEU A 304 -0.82 -13.92 1.86
N ALA A 305 -1.69 -13.04 2.40
CA ALA A 305 -1.66 -12.66 3.82
C ALA A 305 -1.91 -13.89 4.71
N LEU A 306 -2.88 -14.72 4.32
CA LEU A 306 -3.16 -15.93 5.08
C LEU A 306 -1.92 -16.85 5.14
N ALA A 307 -1.35 -17.18 4.00
CA ALA A 307 -0.17 -18.05 3.94
C ALA A 307 0.97 -17.44 4.78
N SER A 308 1.13 -16.12 4.77
CA SER A 308 2.18 -15.47 5.57
C SER A 308 1.95 -15.64 7.08
N VAL A 309 0.69 -15.52 7.50
CA VAL A 309 0.36 -15.63 8.92
C VAL A 309 0.48 -17.11 9.35
N GLU A 310 0.08 -18.02 8.45
CA GLU A 310 0.24 -19.47 8.68
C GLU A 310 1.70 -19.78 8.85
N ALA A 311 2.53 -19.26 7.95
CA ALA A 311 3.99 -19.50 7.99
C ALA A 311 4.57 -18.99 9.31
N PHE A 312 4.20 -17.77 9.68
CA PHE A 312 4.66 -17.17 10.92
C PHE A 312 4.36 -18.05 12.14
N PHE A 313 3.16 -18.61 12.21
CA PHE A 313 2.80 -19.45 13.34
C PHE A 313 3.08 -20.93 13.11
N GLY A 314 3.69 -21.30 12.00
CA GLY A 314 3.96 -22.71 11.73
C GLY A 314 2.77 -23.59 11.39
N ALA A 315 1.68 -23.06 10.83
CA ALA A 315 0.57 -23.92 10.38
C ALA A 315 1.00 -24.80 9.23
N GLN A 320 -3.58 -26.48 11.22
CA GLN A 320 -4.37 -25.41 10.68
C GLN A 320 -4.67 -24.28 11.70
N LEU A 321 -4.69 -23.04 11.26
CA LEU A 321 -5.15 -21.95 12.14
C LEU A 321 -6.65 -22.11 12.41
N ASP A 322 -7.14 -21.68 13.58
CA ASP A 322 -8.59 -21.69 13.89
C ASP A 322 -9.34 -21.01 12.75
N GLY A 323 -10.22 -21.71 12.03
CA GLY A 323 -10.99 -21.10 10.92
C GLY A 323 -11.89 -19.93 11.33
N ASP A 324 -12.47 -19.96 12.54
CA ASP A 324 -13.27 -18.81 13.02
C ASP A 324 -12.40 -17.56 13.15
N ALA A 325 -11.15 -17.74 13.60
CA ALA A 325 -10.28 -16.57 13.77
C ALA A 325 -9.87 -16.02 12.39
N VAL A 326 -9.61 -16.93 11.45
CA VAL A 326 -9.29 -16.48 10.08
C VAL A 326 -10.53 -15.72 9.49
N ARG A 327 -11.74 -16.28 9.60
CA ARG A 327 -12.93 -15.58 9.10
C ARG A 327 -13.08 -14.21 9.78
N ALA A 328 -12.93 -14.19 11.10
CA ALA A 328 -13.04 -12.90 11.87
C ALA A 328 -11.97 -11.87 11.46
N GLY A 329 -10.72 -12.30 11.21
CA GLY A 329 -9.68 -11.36 10.83
C GLY A 329 -9.95 -10.75 9.48
N PHE A 330 -10.32 -11.59 8.52
CA PHE A 330 -10.64 -11.05 7.18
C PHE A 330 -11.86 -10.13 7.19
N ALA A 331 -12.89 -10.48 7.98
CA ALA A 331 -14.04 -9.65 8.06
C ALA A 331 -13.72 -8.32 8.65
N ALA A 332 -12.67 -8.23 9.44
CA ALA A 332 -12.35 -6.94 10.06
C ALA A 332 -11.38 -6.10 9.20
N VAL A 333 -10.93 -6.61 8.05
CA VAL A 333 -9.92 -5.89 7.25
C VAL A 333 -10.48 -4.57 6.74
N THR A 334 -9.67 -3.50 6.79
CA THR A 334 -9.98 -2.27 6.00
C THR A 334 -8.77 -1.99 5.15
N SER A 335 -8.96 -1.31 4.01
CA SER A 335 -7.79 -0.81 3.26
C SER A 335 -8.19 0.57 2.70
N PRO A 336 -8.07 1.61 3.52
CA PRO A 336 -8.52 2.93 3.17
C PRO A 336 -7.85 3.37 1.86
N GLY A 337 -8.64 4.04 1.04
CA GLY A 337 -8.14 4.54 -0.24
C GLY A 337 -7.85 3.46 -1.24
N ARG A 338 -8.22 2.19 -1.00
CA ARG A 338 -8.16 1.14 -2.07
C ARG A 338 -9.59 0.73 -2.45
N LEU A 339 -10.05 1.27 -3.59
CA LEU A 339 -11.40 1.12 -4.06
C LEU A 339 -12.39 1.31 -2.92
N GLU A 340 -12.25 2.43 -2.23
CA GLU A 340 -13.05 2.69 -1.05
C GLU A 340 -14.17 3.65 -1.44
N ARG A 341 -15.40 3.32 -1.10
CA ARG A 341 -16.55 4.15 -1.43
C ARG A 341 -16.75 5.23 -0.41
N ARG A 343 -19.31 7.55 -0.84
CA ARG A 343 -20.75 7.73 -0.72
C ARG A 343 -21.42 7.02 -1.89
N SER A 344 -22.76 7.01 -1.93
CA SER A 344 -23.49 6.44 -3.07
C SER A 344 -24.44 7.58 -3.53
N ALA A 345 -25.08 7.43 -4.71
CA ALA A 345 -26.00 8.45 -5.26
C ALA A 345 -25.42 9.87 -5.27
N PRO A 346 -24.42 10.14 -6.09
CA PRO A 346 -23.71 9.23 -6.98
C PRO A 346 -22.68 8.47 -6.14
N THR A 347 -22.24 7.32 -6.61
CA THR A 347 -21.13 6.64 -6.00
C THR A 347 -19.82 7.39 -6.27
N VAL A 348 -19.02 7.59 -5.24
CA VAL A 348 -17.69 8.16 -5.38
C VAL A 348 -16.76 7.13 -4.77
N PHE A 349 -15.78 6.72 -5.59
CA PHE A 349 -14.71 5.86 -5.09
C PHE A 349 -13.46 6.65 -5.00
N ILE A 350 -12.59 6.26 -4.07
CA ILE A 350 -11.24 6.74 -4.13
C ILE A 350 -10.38 5.49 -4.26
N ASP A 351 -9.27 5.63 -4.99
CA ASP A 351 -8.36 4.55 -5.22
C ASP A 351 -6.95 5.07 -5.46
N ALA A 352 -5.97 4.50 -4.75
CA ALA A 352 -4.60 4.95 -4.80
C ALA A 352 -3.86 4.48 -6.09
N ALA A 353 -4.53 3.79 -7.02
CA ALA A 353 -3.84 3.26 -8.21
C ALA A 353 -2.90 4.31 -8.81
N HIS A 354 -1.65 3.92 -9.03
CA HIS A 354 -0.64 4.84 -9.54
C HIS A 354 0.38 4.08 -10.42
N ASN A 355 -0.05 2.94 -10.95
CA ASN A 355 0.77 2.25 -11.95
C ASN A 355 -0.17 1.41 -12.85
N PRO A 356 0.36 0.86 -13.95
CA PRO A 356 -0.54 0.18 -14.90
C PRO A 356 -1.22 -1.03 -14.27
N ALA A 357 -0.48 -1.90 -13.58
CA ALA A 357 -1.11 -3.02 -12.89
C ALA A 357 -2.27 -2.60 -11.93
N GLY A 358 -2.06 -1.57 -11.09
CA GLY A 358 -3.11 -1.12 -10.20
C GLY A 358 -4.29 -0.48 -10.96
N ALA A 359 -4.02 0.30 -12.01
CA ALA A 359 -5.11 0.98 -12.78
C ALA A 359 -5.94 -0.10 -13.53
N SER A 360 -5.24 -1.10 -14.04
CA SER A 360 -5.92 -2.25 -14.60
C SER A 360 -6.79 -3.02 -13.57
N ALA A 361 -6.29 -3.20 -12.32
CA ALA A 361 -7.10 -3.90 -11.28
C ALA A 361 -8.35 -3.08 -10.96
N LEU A 362 -8.15 -1.76 -10.84
CA LEU A 362 -9.21 -0.83 -10.63
C LEU A 362 -10.27 -0.91 -11.77
N ALA A 363 -9.82 -0.89 -13.04
CA ALA A 363 -10.77 -0.87 -14.18
C ALA A 363 -11.54 -2.19 -14.20
N GLN A 364 -10.84 -3.31 -14.01
CA GLN A 364 -11.51 -4.60 -14.05
C GLN A 364 -12.57 -4.72 -12.95
N THR A 365 -12.24 -4.22 -11.76
CA THR A 365 -13.15 -4.27 -10.62
C THR A 365 -14.42 -3.42 -10.89
N LEU A 366 -14.23 -2.22 -11.42
CA LEU A 366 -15.34 -1.33 -11.72
C LEU A 366 -16.29 -1.97 -12.74
N ALA A 367 -15.72 -2.68 -13.71
CA ALA A 367 -16.48 -3.33 -14.79
C ALA A 367 -17.12 -4.66 -14.35
N HIS A 368 -16.42 -5.40 -13.50
CA HIS A 368 -16.88 -6.71 -13.16
C HIS A 368 -17.76 -6.82 -11.91
N GLU A 369 -17.66 -5.89 -10.99
CA GLU A 369 -18.25 -6.05 -9.71
C GLU A 369 -19.33 -5.02 -9.47
N PHE A 370 -19.55 -4.15 -10.46
CA PHE A 370 -20.55 -3.09 -10.38
C PHE A 370 -21.20 -3.00 -11.73
N ASP A 371 -22.26 -2.23 -11.81
CA ASP A 371 -22.96 -2.09 -13.09
C ASP A 371 -23.19 -0.60 -13.29
N PHE A 372 -22.14 0.14 -13.60
CA PHE A 372 -22.30 1.58 -13.75
C PHE A 372 -22.72 1.85 -15.16
N ARG A 373 -23.60 2.82 -15.35
CA ARG A 373 -23.92 3.23 -16.71
C ARG A 373 -23.03 4.42 -17.17
N PHE A 374 -22.38 5.11 -16.24
CA PHE A 374 -21.59 6.29 -16.57
C PHE A 374 -20.59 6.48 -15.44
N LEU A 375 -19.30 6.57 -15.78
CA LEU A 375 -18.25 6.81 -14.78
C LEU A 375 -17.35 7.96 -15.25
N VAL A 376 -17.05 8.90 -14.34
CA VAL A 376 -16.10 9.98 -14.64
C VAL A 376 -14.86 9.82 -13.76
N GLY A 377 -13.65 9.89 -14.34
CA GLY A 377 -12.48 9.71 -13.50
C GLY A 377 -12.04 11.12 -13.06
N VAL A 378 -11.41 11.25 -11.89
CA VAL A 378 -10.83 12.51 -11.47
C VAL A 378 -9.46 12.05 -11.20
N LEU A 379 -8.50 12.67 -11.90
CA LEU A 379 -7.16 12.12 -11.95
C LEU A 379 -6.06 13.13 -11.67
N SER A 380 -5.11 12.77 -10.82
CA SER A 380 -3.84 13.46 -10.72
C SER A 380 -2.77 12.41 -10.44
N VAL A 381 -1.66 12.55 -11.14
CA VAL A 381 -0.66 11.49 -11.16
C VAL A 381 0.69 12.11 -10.90
N LEU A 382 1.55 11.39 -10.18
CA LEU A 382 2.92 11.89 -9.98
C LEU A 382 3.82 11.71 -11.24
N GLY A 383 4.85 12.54 -11.37
CA GLY A 383 5.61 12.63 -12.62
C GLY A 383 6.52 11.45 -12.91
N ASP A 384 6.77 10.62 -11.89
CA ASP A 384 7.69 9.48 -12.04
C ASP A 384 6.95 8.17 -12.38
N LYS A 385 5.64 8.25 -12.61
CA LYS A 385 4.81 7.07 -12.98
C LYS A 385 4.63 6.82 -14.46
N ASP A 386 4.18 5.61 -14.78
CA ASP A 386 3.83 5.30 -16.15
C ASP A 386 2.44 5.87 -16.41
N VAL A 387 2.38 7.18 -16.62
CA VAL A 387 1.12 7.90 -16.89
C VAL A 387 0.34 7.32 -18.06
N ASP A 388 1.03 7.08 -19.18
CA ASP A 388 0.33 6.55 -20.37
C ASP A 388 -0.27 5.12 -20.11
N GLY A 389 0.48 4.25 -19.42
CA GLY A 389 -0.05 2.95 -19.01
C GLY A 389 -1.26 3.06 -18.07
N ILE A 390 -1.21 4.00 -17.12
CA ILE A 390 -2.39 4.27 -16.28
C ILE A 390 -3.62 4.69 -17.13
N LEU A 391 -3.46 5.66 -18.03
CA LEU A 391 -4.59 6.14 -18.79
C LEU A 391 -5.17 5.03 -19.70
N ALA A 392 -4.27 4.25 -20.27
CA ALA A 392 -4.69 3.20 -21.21
C ALA A 392 -5.52 2.11 -20.47
N ALA A 393 -5.23 1.87 -19.20
CA ALA A 393 -5.96 0.88 -18.42
C ALA A 393 -7.33 1.43 -18.04
N LEU A 394 -7.44 2.75 -17.90
CA LEU A 394 -8.69 3.34 -17.40
C LEU A 394 -9.62 3.80 -18.50
N GLU A 395 -9.06 3.99 -19.70
CA GLU A 395 -9.90 4.51 -20.81
C GLU A 395 -11.11 3.65 -21.13
N PRO A 396 -10.99 2.31 -21.06
CA PRO A 396 -12.16 1.49 -21.31
C PRO A 396 -13.29 1.62 -20.26
N VAL A 397 -13.07 2.27 -19.11
CA VAL A 397 -14.16 2.32 -18.15
C VAL A 397 -14.63 3.71 -17.79
N PHE A 398 -13.77 4.71 -17.98
CA PHE A 398 -14.14 6.09 -17.66
C PHE A 398 -14.72 6.71 -18.95
N ASP A 399 -16.00 7.07 -18.89
CA ASP A 399 -16.62 7.76 -20.02
C ASP A 399 -15.89 9.08 -20.29
N SER A 400 -15.52 9.76 -19.20
CA SER A 400 -14.61 10.88 -19.36
C SER A 400 -13.73 11.04 -18.15
N VAL A 401 -12.78 11.95 -18.24
CA VAL A 401 -11.87 12.16 -17.14
C VAL A 401 -11.69 13.65 -16.90
N VAL A 402 -11.59 14.04 -15.62
CA VAL A 402 -11.21 15.42 -15.25
C VAL A 402 -9.82 15.30 -14.67
N VAL A 403 -8.85 15.95 -15.30
CA VAL A 403 -7.46 15.92 -14.84
C VAL A 403 -7.17 17.15 -14.01
N THR A 404 -6.38 16.97 -12.97
CA THR A 404 -6.11 18.05 -12.05
C THR A 404 -4.74 17.82 -11.40
N HIS A 405 -4.49 18.52 -10.29
CA HIS A 405 -3.19 18.52 -9.59
C HIS A 405 -3.55 18.25 -8.14
N ASN A 406 -2.96 17.25 -7.51
CA ASN A 406 -3.37 16.85 -6.16
C ASN A 406 -2.66 17.61 -5.05
N GLY A 407 -1.87 18.61 -5.44
CA GLY A 407 -1.14 19.39 -4.45
C GLY A 407 0.27 18.89 -4.12
N SER A 408 0.68 17.73 -4.63
CA SER A 408 2.05 17.31 -4.35
C SER A 408 2.99 18.05 -5.28
N PRO A 409 4.18 18.42 -4.79
CA PRO A 409 5.21 19.04 -5.64
C PRO A 409 5.68 18.13 -6.78
N ARG A 410 5.42 16.84 -6.64
CA ARG A 410 5.92 15.85 -7.59
C ARG A 410 4.79 15.52 -8.58
N ALA A 411 3.62 16.16 -8.43
CA ALA A 411 2.51 15.80 -9.32
C ALA A 411 2.80 16.33 -10.73
N LEU A 412 2.32 15.63 -11.74
CA LEU A 412 2.39 16.14 -13.11
C LEU A 412 1.50 17.38 -13.25
N ASP A 413 1.97 18.40 -13.98
CA ASP A 413 1.15 19.59 -14.04
C ASP A 413 -0.07 19.31 -14.91
N VAL A 414 -1.15 20.06 -14.70
CA VAL A 414 -2.44 19.82 -15.33
C VAL A 414 -2.39 19.74 -16.87
N GLU A 415 -1.62 20.65 -17.46
CA GLU A 415 -1.51 20.74 -18.88
C GLU A 415 -0.80 19.48 -19.43
N ALA A 416 0.25 19.05 -18.75
CA ALA A 416 0.91 17.85 -19.23
C ALA A 416 -0.04 16.65 -19.09
N LEU A 417 -0.79 16.57 -18.00
CA LEU A 417 -1.66 15.41 -17.75
C LEU A 417 -2.86 15.43 -18.74
N ALA A 418 -3.40 16.63 -18.96
CA ALA A 418 -4.46 16.82 -19.94
C ALA A 418 -4.08 16.32 -21.36
N LEU A 419 -2.90 16.70 -21.81
CA LEU A 419 -2.40 16.23 -23.11
C LEU A 419 -2.24 14.69 -23.11
N ALA A 420 -1.57 14.13 -22.09
CA ALA A 420 -1.43 12.67 -21.95
C ALA A 420 -2.81 12.01 -22.05
N ALA A 421 -3.78 12.46 -21.25
CA ALA A 421 -5.16 11.99 -21.28
C ALA A 421 -5.76 12.10 -22.68
N GLY A 422 -5.57 13.27 -23.31
CA GLY A 422 -6.08 13.52 -24.66
C GLY A 422 -5.61 12.50 -25.68
N GLU A 423 -4.36 12.04 -25.54
CA GLU A 423 -3.80 11.05 -26.46
C GLU A 423 -4.48 9.69 -26.37
N ARG A 424 -5.00 9.35 -25.18
CA ARG A 424 -5.76 8.10 -24.99
C ARG A 424 -7.29 8.24 -25.05
N PHE A 425 -7.84 9.31 -24.51
CA PHE A 425 -9.28 9.46 -24.47
C PHE A 425 -9.89 10.20 -25.68
N GLY A 426 -9.07 11.01 -26.35
CA GLY A 426 -9.56 12.00 -27.30
C GLY A 426 -9.91 13.22 -26.47
N PRO A 427 -9.59 14.41 -26.96
CA PRO A 427 -9.88 15.66 -26.26
C PRO A 427 -11.35 15.89 -25.85
N ASP A 428 -12.32 15.32 -26.57
CA ASP A 428 -13.74 15.42 -26.16
C ASP A 428 -14.10 14.76 -24.82
N ARG A 429 -13.29 13.83 -24.35
CA ARG A 429 -13.57 13.13 -23.09
C ARG A 429 -12.68 13.61 -21.93
N VAL A 430 -12.07 14.76 -22.13
CA VAL A 430 -11.13 15.27 -21.14
C VAL A 430 -11.51 16.65 -20.66
N ARG A 431 -11.49 16.86 -19.36
CA ARG A 431 -11.67 18.20 -18.81
C ARG A 431 -10.57 18.48 -17.81
N THR A 432 -10.38 19.74 -17.46
CA THR A 432 -9.32 20.10 -16.51
C THR A 432 -9.90 20.91 -15.36
N ALA A 433 -9.23 20.89 -14.22
CA ALA A 433 -9.65 21.73 -13.10
C ALA A 433 -8.39 22.05 -12.31
N GLU A 434 -8.32 23.25 -11.74
CA GLU A 434 -7.11 23.74 -11.10
C GLU A 434 -6.77 22.96 -9.84
N ASN A 435 -7.79 22.44 -9.16
CA ASN A 435 -7.54 21.71 -7.93
C ASN A 435 -8.61 20.62 -7.73
N LEU A 436 -8.33 19.76 -6.77
CA LEU A 436 -9.14 18.60 -6.55
C LEU A 436 -10.59 18.89 -6.21
N ARG A 437 -10.83 19.89 -5.37
CA ARG A 437 -12.21 20.23 -5.05
C ARG A 437 -12.93 20.69 -6.30
N ASP A 438 -12.31 21.56 -7.08
CA ASP A 438 -12.89 21.96 -8.36
C ASP A 438 -13.18 20.72 -9.26
N ALA A 439 -12.23 19.80 -9.34
CA ALA A 439 -12.32 18.64 -10.23
C ALA A 439 -13.50 17.79 -9.81
N ILE A 440 -13.68 17.61 -8.51
CA ILE A 440 -14.86 16.86 -8.07
C ILE A 440 -16.17 17.58 -8.44
N ASP A 441 -16.14 18.90 -8.41
CA ASP A 441 -17.36 19.62 -8.74
C ASP A 441 -17.61 19.43 -10.24
N VAL A 442 -16.55 19.49 -11.05
CA VAL A 442 -16.71 19.24 -12.47
C VAL A 442 -17.30 17.84 -12.70
N ALA A 443 -16.72 16.80 -12.06
CA ALA A 443 -17.18 15.43 -12.25
C ALA A 443 -18.63 15.37 -11.86
N THR A 444 -18.99 16.10 -10.82
CA THR A 444 -20.32 15.99 -10.31
C THR A 444 -21.31 16.53 -11.33
N SER A 445 -20.98 17.63 -11.99
CA SER A 445 -21.90 18.16 -12.94
C SER A 445 -21.98 17.21 -14.17
N LEU A 446 -20.89 16.52 -14.50
CA LEU A 446 -20.95 15.58 -15.60
C LEU A 446 -21.87 14.40 -15.26
N VAL A 447 -21.79 13.94 -14.03
CA VAL A 447 -22.59 12.81 -13.60
C VAL A 447 -24.09 13.23 -13.48
N ASP A 448 -24.38 14.48 -13.06
CA ASP A 448 -25.74 15.06 -13.07
C ASP A 448 -26.27 15.18 -14.50
N ASP A 449 -25.46 15.64 -15.43
CA ASP A 449 -25.89 15.66 -16.78
C ASP A 449 -26.20 14.22 -17.28
N ALA A 450 -25.33 13.25 -17.00
CA ALA A 450 -25.58 11.86 -17.43
C ALA A 450 -26.90 11.35 -16.87
N ALA A 451 -27.16 11.67 -15.61
CA ALA A 451 -28.41 11.31 -14.95
C ALA A 451 -29.63 11.91 -15.60
N ALA A 452 -29.44 13.05 -16.25
CA ALA A 452 -30.53 13.76 -16.90
C ALA A 452 -30.63 13.36 -18.36
N ASP A 453 -29.94 12.29 -18.75
CA ASP A 453 -29.82 11.99 -20.17
C ASP A 453 -30.46 10.65 -20.38
N PRO A 454 -31.69 10.62 -20.91
CA PRO A 454 -32.47 9.40 -20.84
C PRO A 454 -31.73 8.17 -21.39
N ASP A 455 -30.95 8.32 -22.47
CA ASP A 455 -30.28 7.16 -23.03
C ASP A 455 -28.86 6.93 -22.50
N VAL A 456 -28.48 7.61 -21.41
CA VAL A 456 -27.20 7.40 -20.72
C VAL A 456 -27.51 6.84 -19.33
N ALA A 457 -27.98 7.69 -18.42
CA ALA A 457 -28.33 7.20 -17.08
C ALA A 457 -29.61 7.80 -16.55
N GLY A 458 -30.49 8.26 -17.45
CA GLY A 458 -31.80 8.84 -17.09
C GLY A 458 -32.58 8.18 -15.96
N ARG A 463 -26.80 4.68 -10.82
CA ARG A 463 -25.87 3.91 -11.62
C ARG A 463 -24.77 4.76 -12.27
N THR A 464 -24.45 5.88 -11.64
CA THR A 464 -23.37 6.74 -12.10
C THR A 464 -22.36 6.79 -10.98
N GLY A 465 -21.13 7.14 -11.32
CA GLY A 465 -20.05 7.23 -10.34
C GLY A 465 -18.89 8.12 -10.77
N ILE A 466 -18.11 8.50 -9.77
CA ILE A 466 -16.93 9.32 -9.89
C ILE A 466 -15.82 8.49 -9.24
N VAL A 467 -14.69 8.37 -9.94
CA VAL A 467 -13.60 7.58 -9.41
C VAL A 467 -12.37 8.47 -9.35
N ILE A 468 -11.92 8.70 -8.11
CA ILE A 468 -10.83 9.63 -7.88
C ILE A 468 -9.56 8.79 -7.68
N THR A 469 -8.56 8.96 -8.55
CA THR A 469 -7.44 8.01 -8.53
C THR A 469 -6.17 8.64 -9.15
N GLY A 470 -5.11 7.84 -9.26
CA GLY A 470 -3.94 8.29 -10.03
C GLY A 470 -2.71 8.37 -9.14
N SER A 471 -2.94 8.49 -7.83
CA SER A 471 -1.87 8.64 -6.87
C SER A 471 -2.40 8.35 -5.48
N VAL A 472 -1.52 7.93 -4.59
CA VAL A 472 -1.83 7.91 -3.15
C VAL A 472 -2.28 9.27 -2.65
N VAL A 473 -1.61 10.32 -3.12
CA VAL A 473 -1.88 11.66 -2.65
C VAL A 473 -3.27 12.14 -3.11
N THR A 474 -3.67 11.72 -4.30
CA THR A 474 -4.96 12.10 -4.86
C THR A 474 -6.06 11.43 -4.02
N ALA A 475 -5.94 10.13 -3.82
CA ALA A 475 -6.82 9.39 -2.95
C ALA A 475 -6.86 9.93 -1.54
N GLY A 476 -5.69 10.20 -0.96
CA GLY A 476 -5.62 10.70 0.40
C GLY A 476 -6.22 12.08 0.55
N ALA A 477 -5.95 12.98 -0.39
CA ALA A 477 -6.53 14.35 -0.30
C ALA A 477 -8.05 14.30 -0.39
N ALA A 478 -8.55 13.46 -1.28
CA ALA A 478 -9.97 13.27 -1.44
C ALA A 478 -10.56 12.66 -0.16
N ARG A 479 -9.87 11.72 0.49
CA ARG A 479 -10.40 11.11 1.65
C ARG A 479 -10.64 12.19 2.75
N THR A 480 -9.70 13.13 2.87
CA THR A 480 -9.80 14.24 3.80
C THR A 480 -10.94 15.20 3.40
N LEU A 481 -11.08 15.52 2.12
CA LEU A 481 -12.23 16.29 1.64
C LEU A 481 -13.57 15.67 2.05
N PHE A 482 -13.65 14.34 2.03
CA PHE A 482 -14.88 13.65 2.39
C PHE A 482 -15.02 13.44 3.90
N GLY A 483 -14.07 13.98 4.66
CA GLY A 483 -14.18 14.06 6.10
C GLY A 483 -13.87 12.77 6.89
N ARG A 484 -13.18 11.79 6.29
CA ARG A 484 -12.93 10.51 6.95
CA ARG A 484 -12.96 10.50 6.98
C ARG A 484 -11.68 10.62 7.82
N ASP A 485 -11.68 10.01 8.99
CA ASP A 485 -10.55 10.05 9.90
C ASP A 485 -9.51 9.08 9.39
N PRO A 486 -8.25 9.39 9.56
CA PRO A 486 -7.16 8.47 9.15
C PRO A 486 -7.28 7.10 9.81
N GLN A 487 -7.01 6.02 9.06
N GLN A 487 -7.03 6.04 9.02
CA GLN A 487 -7.18 4.64 9.57
CA GLN A 487 -7.07 4.65 9.49
C GLN A 487 -5.91 3.75 9.45
C GLN A 487 -5.74 3.89 9.22
#